data_8YV3
#
_entry.id   8YV3
#
_cell.length_a   30.490
_cell.length_b   33.043
_cell.length_c   38.519
_cell.angle_alpha   82.17
_cell.angle_beta   77.73
_cell.angle_gamma   69.64
#
_symmetry.space_group_name_H-M   'P 1'
#
loop_
_entity.id
_entity.type
_entity.pdbx_description
1 polymer 'Collagen alpha-1(I) chain'
2 polymer 'Collagen alpha-2(I) chain'
3 water water
#
loop_
_entity_poly.entity_id
_entity_poly.type
_entity_poly.pdbx_seq_one_letter_code
_entity_poly.pdbx_strand_id
1 'polypeptide(L)' (ACE)PVGARGPAGPQGPRGDKGETGEQGDRGIKG A,D
2 'polypeptide(L)' (ACE)AVGPRGPSGPQGIRGDKGE(HYP)GEKGPRGL(HYP)G B,C,E,F
#
loop_
_chem_comp.id
_chem_comp.type
_chem_comp.name
_chem_comp.formula
ACE non-polymer 'ACETYL GROUP' 'C2 H4 O'
#
# COMPACT_ATOMS: atom_id res chain seq x y z
C ACE A 1 13.04 -36.42 12.29
O ACE A 1 12.11 -36.50 11.50
CH3 ACE A 1 14.27 -37.26 12.17
N PRO A 2 13.03 -35.56 13.32
CA PRO A 2 11.92 -34.66 13.60
C PRO A 2 11.58 -33.73 12.43
N VAL A 3 10.29 -33.48 12.21
CA VAL A 3 9.88 -32.59 11.13
C VAL A 3 10.31 -31.16 11.44
N GLY A 4 10.63 -30.42 10.38
CA GLY A 4 11.05 -29.05 10.55
C GLY A 4 9.94 -28.16 11.08
N ALA A 5 10.35 -26.99 11.58
CA ALA A 5 9.41 -26.03 12.10
C ALA A 5 8.52 -25.47 11.00
N ARG A 6 7.33 -25.03 11.38
CA ARG A 6 6.45 -24.37 10.43
C ARG A 6 7.07 -23.04 9.99
N GLY A 7 6.88 -22.71 8.71
CA GLY A 7 7.42 -21.49 8.16
C GLY A 7 6.80 -20.25 8.78
N PRO A 8 7.41 -19.10 8.55
CA PRO A 8 6.84 -17.86 9.03
C PRO A 8 5.61 -17.47 8.23
N ALA A 9 4.85 -16.53 8.79
CA ALA A 9 3.68 -16.02 8.09
C ALA A 9 4.10 -15.35 6.79
N GLY A 10 3.17 -15.33 5.83
CA GLY A 10 3.39 -14.65 4.59
C GLY A 10 3.44 -13.14 4.78
N PRO A 11 3.76 -12.41 3.72
CA PRO A 11 3.82 -10.95 3.82
C PRO A 11 2.43 -10.35 4.01
N GLN A 12 2.40 -9.13 4.53
CA GLN A 12 1.12 -8.43 4.67
C GLN A 12 0.53 -8.20 3.29
N GLY A 13 -0.80 -8.30 3.21
CA GLY A 13 -1.49 -8.11 1.96
C GLY A 13 -1.40 -6.70 1.44
N PRO A 14 -1.88 -6.47 0.22
CA PRO A 14 -1.78 -5.13 -0.37
C PRO A 14 -2.80 -4.18 0.21
N ARG A 15 -2.47 -2.89 0.10
CA ARG A 15 -3.32 -1.82 0.61
CA ARG A 15 -3.33 -1.83 0.61
CA ARG A 15 -3.34 -1.85 0.62
C ARG A 15 -4.53 -1.62 -0.30
N GLY A 16 -5.66 -1.26 0.31
CA GLY A 16 -6.83 -0.92 -0.46
C GLY A 16 -6.68 0.43 -1.12
N ASP A 17 -7.46 0.63 -2.19
CA ASP A 17 -7.41 1.89 -2.92
C ASP A 17 -8.00 3.02 -2.08
N LYS A 18 -7.55 4.24 -2.38
CA LYS A 18 -8.18 5.41 -1.78
C LYS A 18 -9.65 5.45 -2.12
N GLY A 19 -10.47 5.85 -1.16
CA GLY A 19 -11.90 5.92 -1.36
C GLY A 19 -12.27 6.91 -2.45
N GLU A 20 -13.52 6.77 -2.92
CA GLU A 20 -14.01 7.64 -3.97
C GLU A 20 -14.39 9.01 -3.39
N THR A 21 -14.30 10.02 -4.25
CA THR A 21 -14.67 11.38 -3.86
C THR A 21 -16.16 11.43 -3.52
N GLY A 22 -16.51 12.28 -2.56
CA GLY A 22 -17.89 12.45 -2.18
C GLY A 22 -18.74 12.96 -3.33
N GLU A 23 -20.05 12.80 -3.17
CA GLU A 23 -20.98 13.28 -4.18
C GLU A 23 -21.09 14.81 -4.12
N GLN A 24 -21.62 15.39 -5.20
CA GLN A 24 -21.76 16.83 -5.26
C GLN A 24 -22.78 17.32 -4.24
N GLY A 25 -22.55 18.54 -3.75
CA GLY A 25 -23.43 19.12 -2.75
C GLY A 25 -24.76 19.53 -3.33
N ASP A 26 -25.63 19.98 -2.44
CA ASP A 26 -26.96 20.44 -2.83
C ASP A 26 -26.86 21.66 -3.74
N ARG A 27 -27.83 21.78 -4.64
CA ARG A 27 -27.93 22.99 -5.45
C ARG A 27 -28.20 24.18 -4.54
N GLY A 28 -27.62 25.33 -4.90
CA GLY A 28 -27.87 26.53 -4.13
C GLY A 28 -29.32 26.95 -4.17
N ILE A 29 -29.69 27.77 -3.18
CA ILE A 29 -31.03 28.36 -3.19
C ILE A 29 -31.15 29.27 -4.42
N LYS A 30 -32.37 29.42 -4.92
CA LYS A 30 -32.55 30.16 -6.17
C LYS A 30 -32.47 31.66 -6.07
N GLY A 31 -32.36 32.30 -7.22
CA GLY A 31 -32.38 33.75 -7.26
C GLY A 31 -33.81 34.22 -7.34
C ACE B 1 17.99 -35.93 14.30
O ACE B 1 17.34 -35.31 15.15
CH3 ACE B 1 18.13 -37.41 14.32
N ALA B 2 18.63 -35.31 13.31
CA ALA B 2 18.58 -33.86 13.16
C ALA B 2 17.21 -33.39 12.70
N VAL B 3 16.77 -32.25 13.26
CA VAL B 3 15.49 -31.68 12.86
C VAL B 3 15.56 -31.23 11.40
N GLY B 4 14.42 -31.32 10.72
CA GLY B 4 14.33 -30.89 9.34
C GLY B 4 14.38 -29.38 9.22
N PRO B 5 14.60 -28.89 8.01
CA PRO B 5 14.66 -27.44 7.79
C PRO B 5 13.29 -26.80 7.96
N ARG B 6 13.30 -25.52 8.34
CA ARG B 6 12.05 -24.79 8.54
C ARG B 6 11.29 -24.67 7.22
N GLY B 7 9.97 -24.78 7.30
CA GLY B 7 9.12 -24.69 6.14
C GLY B 7 9.16 -23.32 5.49
N PRO B 8 8.63 -23.23 4.28
CA PRO B 8 8.66 -21.95 3.56
C PRO B 8 7.64 -20.96 4.10
N SER B 9 7.76 -19.72 3.61
CA SER B 9 6.85 -18.67 4.01
C SER B 9 5.44 -18.98 3.52
N GLY B 10 4.45 -18.52 4.29
CA GLY B 10 3.07 -18.67 3.92
C GLY B 10 2.69 -17.70 2.81
N PRO B 11 1.43 -17.77 2.38
CA PRO B 11 0.98 -16.89 1.31
C PRO B 11 0.77 -15.47 1.80
N GLN B 12 0.83 -14.53 0.85
CA GLN B 12 0.60 -13.14 1.17
C GLN B 12 -0.83 -12.93 1.64
N GLY B 13 -1.01 -11.97 2.53
CA GLY B 13 -2.34 -11.62 3.00
C GLY B 13 -3.23 -11.09 1.89
N ILE B 14 -4.50 -10.97 2.22
CA ILE B 14 -5.48 -10.46 1.27
C ILE B 14 -5.42 -8.94 1.22
N ARG B 15 -6.01 -8.37 0.17
CA ARG B 15 -6.02 -6.93 0.03
C ARG B 15 -6.96 -6.29 1.05
N GLY B 16 -6.54 -5.14 1.58
CA GLY B 16 -7.41 -4.38 2.45
C GLY B 16 -8.60 -3.81 1.71
N ASP B 17 -9.60 -3.39 2.48
CA ASP B 17 -10.80 -2.83 1.86
C ASP B 17 -10.52 -1.49 1.22
N LYS B 18 -11.31 -1.19 0.20
CA LYS B 18 -11.28 0.12 -0.42
C LYS B 18 -11.73 1.17 0.58
N GLY B 19 -11.11 2.35 0.53
CA GLY B 19 -11.44 3.41 1.46
C GLY B 19 -12.88 3.85 1.37
N GLU B 20 -13.32 4.57 2.40
CA GLU B 20 -14.68 5.08 2.44
C GLU B 20 -14.82 6.28 1.51
N HYP B 21 -16.04 6.47 1.00
CA HYP B 21 -16.33 7.64 0.16
C HYP B 21 -16.18 8.97 0.98
O HYP B 21 -16.49 8.99 2.20
CB HYP B 21 -17.76 7.48 -0.39
CG HYP B 21 -18.15 6.02 -0.13
CD HYP B 21 -17.31 5.71 1.12
OD1 HYP B 21 -17.90 5.15 -1.19
N GLY B 22 -15.70 10.02 0.35
CA GLY B 22 -15.62 11.32 0.98
C GLY B 22 -17.02 11.82 1.32
N GLU B 23 -17.11 12.83 2.17
CA GLU B 23 -18.41 13.34 2.54
C GLU B 23 -18.99 14.19 1.41
N LYS B 24 -20.30 14.43 1.51
CA LYS B 24 -21.00 15.26 0.55
C LYS B 24 -20.39 16.66 0.53
N GLY B 25 -20.31 17.24 -0.66
CA GLY B 25 -19.77 18.57 -0.83
C GLY B 25 -20.66 19.64 -0.24
N PRO B 26 -20.15 20.86 -0.14
CA PRO B 26 -20.95 21.95 0.42
C PRO B 26 -22.06 22.37 -0.52
N ARG B 27 -22.99 23.15 0.04
CA ARG B 27 -24.15 23.59 -0.72
C ARG B 27 -23.76 24.64 -1.75
N GLY B 28 -24.51 24.67 -2.86
CA GLY B 28 -24.19 25.58 -3.93
C GLY B 28 -24.39 27.03 -3.55
N LEU B 29 -23.77 27.91 -4.34
CA LEU B 29 -23.92 29.35 -4.14
C LEU B 29 -25.34 29.78 -4.49
N HYP B 30 -25.82 30.85 -3.87
CA HYP B 30 -27.16 31.38 -4.20
C HYP B 30 -27.26 31.87 -5.69
O HYP B 30 -26.25 32.35 -6.26
CB HYP B 30 -27.48 32.53 -3.23
CG HYP B 30 -26.52 32.33 -2.05
CD HYP B 30 -25.30 31.69 -2.76
OD1 HYP B 30 -27.02 31.55 -1.00
N GLY B 31 -28.42 31.73 -6.30
CA GLY B 31 -28.64 32.18 -7.66
C GLY B 31 -28.57 33.70 -7.76
N ALA C 2 21.16 -38.70 9.74
CA ALA C 2 19.72 -38.83 9.89
C ALA C 2 19.07 -37.47 10.09
N VAL C 3 18.34 -37.00 9.08
CA VAL C 3 17.70 -35.68 9.10
C VAL C 3 16.22 -35.84 8.79
N GLY C 4 15.40 -35.01 9.42
CA GLY C 4 13.97 -35.04 9.19
C GLY C 4 13.56 -34.18 8.02
N PRO C 5 12.29 -34.27 7.67
CA PRO C 5 11.80 -33.56 6.48
C PRO C 5 11.53 -32.09 6.76
N ARG C 6 11.46 -31.32 5.68
CA ARG C 6 11.16 -29.89 5.77
C ARG C 6 9.79 -29.68 6.40
N GLY C 7 9.65 -28.56 7.11
CA GLY C 7 8.43 -28.25 7.82
C GLY C 7 7.35 -27.73 6.91
N PRO C 8 6.16 -27.56 7.47
CA PRO C 8 5.04 -27.05 6.67
C PRO C 8 5.17 -25.58 6.36
N SER C 9 4.48 -25.15 5.30
CA SER C 9 4.44 -23.74 4.97
C SER C 9 3.73 -22.95 6.07
N GLY C 10 4.14 -21.70 6.24
CA GLY C 10 3.59 -20.85 7.27
C GLY C 10 2.18 -20.41 6.98
N PRO C 11 1.54 -19.76 7.96
CA PRO C 11 0.19 -19.25 7.75
C PRO C 11 0.20 -18.03 6.84
N GLN C 12 -0.99 -17.61 6.45
CA GLN C 12 -1.14 -16.47 5.55
C GLN C 12 -0.91 -15.18 6.30
N GLY C 13 -0.25 -14.23 5.65
CA GLY C 13 0.07 -12.96 6.28
C GLY C 13 -1.17 -12.17 6.64
N ILE C 14 -0.94 -11.05 7.35
CA ILE C 14 -2.07 -10.26 7.79
C ILE C 14 -2.69 -9.54 6.60
N ARG C 15 -3.94 -9.10 6.80
CA ARG C 15 -4.67 -8.40 5.77
C ARG C 15 -4.11 -7.00 5.57
N GLY C 16 -4.19 -6.50 4.34
CA GLY C 16 -3.65 -5.19 4.03
C GLY C 16 -4.46 -4.08 4.69
N ASP C 17 -3.84 -2.91 4.76
CA ASP C 17 -4.50 -1.76 5.36
C ASP C 17 -5.68 -1.31 4.52
N LYS C 18 -6.70 -0.79 5.19
CA LYS C 18 -7.82 -0.17 4.49
C LYS C 18 -7.36 1.13 3.85
N GLY C 19 -7.89 1.42 2.66
CA GLY C 19 -7.56 2.67 2.01
C GLY C 19 -8.07 3.87 2.79
N GLU C 20 -7.44 5.02 2.54
CA GLU C 20 -7.87 6.25 3.19
C GLU C 20 -9.16 6.74 2.55
N HYP C 21 -9.91 7.54 3.29
CA HYP C 21 -11.18 8.11 2.76
C HYP C 21 -10.96 8.99 1.47
O HYP C 21 -9.88 9.58 1.30
CB HYP C 21 -11.83 8.94 3.87
CG HYP C 21 -11.26 8.39 5.18
CD HYP C 21 -9.84 7.93 4.73
OD1 HYP C 21 -11.99 7.38 5.79
N GLY C 22 -11.96 9.04 0.61
CA GLY C 22 -11.91 9.90 -0.56
C GLY C 22 -12.00 11.35 -0.14
N GLU C 23 -11.70 12.25 -1.08
CA GLU C 23 -11.81 13.67 -0.79
C GLU C 23 -13.29 14.07 -0.71
N LYS C 24 -13.53 15.22 -0.07
CA LYS C 24 -14.87 15.77 -0.06
C LYS C 24 -15.32 16.10 -1.47
N GLY C 25 -16.60 15.88 -1.75
CA GLY C 25 -17.14 16.11 -3.07
C GLY C 25 -17.06 17.55 -3.49
N PRO C 26 -17.42 17.83 -4.74
CA PRO C 26 -17.40 19.20 -5.22
C PRO C 26 -18.59 20.00 -4.68
N ARG C 27 -18.45 21.31 -4.76
CA ARG C 27 -19.51 22.18 -4.28
C ARG C 27 -20.72 22.08 -5.18
N GLY C 28 -21.91 22.20 -4.59
CA GLY C 28 -23.14 22.15 -5.36
C GLY C 28 -23.21 23.24 -6.40
N LEU C 29 -24.07 23.01 -7.39
CA LEU C 29 -24.24 23.95 -8.48
C LEU C 29 -24.93 25.22 -7.97
N HYP C 30 -24.73 26.33 -8.70
CA HYP C 30 -25.43 27.60 -8.34
C HYP C 30 -26.99 27.46 -8.36
O HYP C 30 -27.53 26.57 -9.03
CB HYP C 30 -24.96 28.68 -9.33
CG HYP C 30 -23.57 28.22 -9.77
CD HYP C 30 -23.74 26.69 -9.76
OD1 HYP C 30 -22.52 28.69 -8.99
N GLY C 31 -27.67 28.34 -7.63
CA GLY C 31 -29.12 28.35 -7.62
C GLY C 31 -29.68 29.01 -8.86
C ACE D 1 -16.54 35.11 -8.59
O ACE D 1 -15.81 35.24 -7.61
CH3 ACE D 1 -16.72 36.20 -9.60
N PRO D 2 -17.21 33.98 -8.83
CA PRO D 2 -17.11 32.83 -7.91
C PRO D 2 -15.70 32.24 -7.88
N VAL D 3 -15.32 31.65 -6.74
CA VAL D 3 -13.99 31.07 -6.60
C VAL D 3 -13.87 29.87 -7.51
N GLY D 4 -12.71 29.74 -8.16
CA GLY D 4 -12.48 28.61 -9.03
C GLY D 4 -12.54 27.29 -8.30
N ALA D 5 -12.74 26.22 -9.08
CA ALA D 5 -12.80 24.89 -8.51
C ALA D 5 -11.44 24.48 -7.95
N ARG D 6 -11.46 23.54 -7.01
CA ARG D 6 -10.23 23.04 -6.43
C ARG D 6 -9.39 22.35 -7.51
N GLY D 7 -8.08 22.50 -7.40
CA GLY D 7 -7.16 21.93 -8.37
C GLY D 7 -7.20 20.42 -8.39
N PRO D 8 -6.57 19.83 -9.41
CA PRO D 8 -6.48 18.37 -9.48
C PRO D 8 -5.50 17.84 -8.45
N ALA D 9 -5.68 16.56 -8.12
CA ALA D 9 -4.72 15.90 -7.25
C ALA D 9 -3.37 15.81 -7.92
N GLY D 10 -2.31 15.85 -7.11
CA GLY D 10 -0.97 15.63 -7.61
C GLY D 10 -0.82 14.20 -8.11
N PRO D 11 0.30 13.93 -8.78
CA PRO D 11 0.55 12.55 -9.24
C PRO D 11 0.96 11.65 -8.09
N GLN D 12 0.93 10.35 -8.36
CA GLN D 12 1.34 9.37 -7.37
C GLN D 12 2.82 9.55 -7.03
N GLY D 13 3.16 9.34 -5.76
CA GLY D 13 4.51 9.40 -5.32
C GLY D 13 5.35 8.26 -5.89
N PRO D 14 6.64 8.29 -5.59
CA PRO D 14 7.54 7.24 -6.09
C PRO D 14 7.34 5.94 -5.32
N ARG D 15 7.66 4.84 -6.00
CA ARG D 15 7.54 3.54 -5.36
C ARG D 15 8.50 3.42 -4.19
N GLY D 16 8.07 2.70 -3.16
CA GLY D 16 8.91 2.47 -2.01
C GLY D 16 10.15 1.66 -2.35
N ASP D 17 11.06 1.64 -1.39
CA ASP D 17 12.32 0.94 -1.55
C ASP D 17 12.09 -0.58 -1.55
N LYS D 18 12.89 -1.28 -2.33
CA LYS D 18 12.82 -2.74 -2.32
C LYS D 18 13.17 -3.27 -0.92
N GLY D 19 12.53 -4.39 -0.57
CA GLY D 19 12.80 -5.00 0.71
C GLY D 19 14.21 -5.55 0.80
N GLU D 20 14.66 -5.72 2.04
CA GLU D 20 16.00 -6.26 2.28
C GLU D 20 16.08 -7.71 1.80
N THR D 21 17.24 -8.06 1.23
CA THR D 21 17.50 -9.46 0.90
C THR D 21 17.52 -10.28 2.18
N GLY D 22 16.98 -11.50 2.10
CA GLY D 22 16.90 -12.35 3.27
C GLY D 22 18.27 -12.74 3.80
N GLU D 23 18.28 -13.21 5.04
CA GLU D 23 19.52 -13.63 5.67
C GLU D 23 19.99 -14.96 5.07
N GLN D 24 21.28 -15.25 5.26
CA GLN D 24 21.84 -16.51 4.82
C GLN D 24 21.24 -17.65 5.62
N GLY D 25 21.01 -18.78 4.94
CA GLY D 25 20.44 -19.94 5.59
C GLY D 25 21.38 -20.54 6.63
N ASP D 26 20.81 -21.45 7.41
CA ASP D 26 21.58 -22.17 8.41
C ASP D 26 22.70 -22.98 7.75
N ARG D 27 23.78 -23.18 8.48
CA ARG D 27 24.81 -24.10 8.01
C ARG D 27 24.23 -25.50 7.93
N GLY D 28 24.79 -26.31 7.03
CA GLY D 28 24.32 -27.66 6.86
C GLY D 28 24.66 -28.53 8.04
N ILE D 29 23.99 -29.69 8.09
CA ILE D 29 24.34 -30.71 9.08
C ILE D 29 25.74 -31.22 8.80
N LYS D 30 26.55 -31.35 9.84
CA LYS D 30 27.98 -31.56 9.69
C LYS D 30 28.31 -33.04 9.52
N GLY D 31 29.33 -33.30 8.71
CA GLY D 31 29.88 -34.64 8.53
C GLY D 31 31.39 -34.64 8.71
N ALA E 2 -15.76 40.78 -12.00
CA ALA E 2 -14.86 40.29 -13.04
C ALA E 2 -14.76 38.76 -12.94
N VAL E 3 -13.55 38.19 -12.96
CA VAL E 3 -13.38 36.74 -12.83
C VAL E 3 -12.93 36.45 -11.42
N GLY E 4 -13.43 35.35 -10.87
CA GLY E 4 -13.18 35.06 -9.49
C GLY E 4 -11.75 34.68 -9.14
N PRO E 5 -11.44 34.53 -7.84
CA PRO E 5 -10.07 34.20 -7.43
C PRO E 5 -9.67 32.81 -7.89
N ARG E 6 -8.37 32.60 -7.98
CA ARG E 6 -7.84 31.27 -8.29
C ARG E 6 -8.36 30.26 -7.26
N GLY E 7 -8.73 29.09 -7.74
CA GLY E 7 -9.23 28.05 -6.87
C GLY E 7 -8.18 27.54 -5.91
N PRO E 8 -8.60 26.82 -4.87
CA PRO E 8 -7.64 26.24 -3.94
C PRO E 8 -6.82 25.13 -4.60
N SER E 9 -5.68 24.84 -4.00
CA SER E 9 -4.79 23.82 -4.52
C SER E 9 -5.42 22.44 -4.37
N GLY E 10 -5.10 21.55 -5.30
CA GLY E 10 -5.60 20.19 -5.26
C GLY E 10 -4.97 19.40 -4.14
N PRO E 11 -5.52 18.22 -3.86
CA PRO E 11 -4.93 17.38 -2.81
C PRO E 11 -3.62 16.77 -3.25
N GLN E 12 -2.79 16.42 -2.26
CA GLN E 12 -1.59 15.66 -2.54
C GLN E 12 -1.95 14.35 -3.21
N GLY E 13 -1.12 13.92 -4.16
CA GLY E 13 -1.35 12.66 -4.84
C GLY E 13 -1.30 11.48 -3.90
N ILE E 14 -1.75 10.33 -4.40
CA ILE E 14 -1.74 9.11 -3.61
C ILE E 14 -0.31 8.69 -3.33
N ARG E 15 -0.12 8.01 -2.19
CA ARG E 15 1.20 7.56 -1.79
C ARG E 15 1.75 6.57 -2.79
N GLY E 16 3.08 6.49 -2.87
CA GLY E 16 3.71 5.62 -3.83
C GLY E 16 3.43 4.16 -3.54
N ASP E 17 3.59 3.34 -4.59
CA ASP E 17 3.44 1.91 -4.47
C ASP E 17 4.35 1.36 -3.37
N LYS E 18 3.87 0.32 -2.70
CA LYS E 18 4.73 -0.40 -1.77
C LYS E 18 5.95 -0.95 -2.51
N GLY E 19 7.08 -0.97 -1.80
CA GLY E 19 8.31 -1.44 -2.39
C GLY E 19 8.26 -2.91 -2.77
N GLU E 20 9.00 -3.24 -3.82
CA GLU E 20 9.26 -4.59 -4.27
C GLU E 20 9.63 -5.52 -3.11
N HYP E 21 9.21 -6.78 -3.17
CA HYP E 21 9.64 -7.76 -2.14
C HYP E 21 11.19 -8.00 -2.16
O HYP E 21 11.80 -7.99 -3.23
CB HYP E 21 8.88 -9.08 -2.39
CG HYP E 21 7.64 -8.68 -3.19
CD HYP E 21 8.17 -7.47 -3.99
OD1 HYP E 21 6.51 -8.40 -2.43
N GLY E 22 11.77 -8.19 -0.97
CA GLY E 22 13.18 -8.49 -0.88
C GLY E 22 13.47 -9.86 -1.45
N GLU E 23 14.66 -10.03 -2.04
CA GLU E 23 15.02 -11.33 -2.56
C GLU E 23 15.31 -12.30 -1.41
N LYS E 24 15.13 -13.59 -1.69
CA LYS E 24 15.32 -14.61 -0.69
C LYS E 24 16.81 -14.77 -0.40
N GLY E 25 17.13 -15.11 0.84
CA GLY E 25 18.50 -15.20 1.28
C GLY E 25 19.28 -16.28 0.58
N PRO E 26 20.61 -16.20 0.65
CA PRO E 26 21.45 -17.23 0.04
C PRO E 26 21.48 -18.50 0.90
N ARG E 27 21.77 -19.61 0.24
CA ARG E 27 21.86 -20.89 0.93
CA ARG E 27 21.86 -20.89 0.93
C ARG E 27 22.98 -20.87 1.95
N GLY E 28 22.75 -21.56 3.07
CA GLY E 28 23.77 -21.67 4.09
C GLY E 28 25.00 -22.41 3.60
N LEU E 29 26.08 -22.26 4.35
CA LEU E 29 27.32 -22.92 4.02
C LEU E 29 27.19 -24.42 4.20
N HYP E 30 27.96 -25.18 3.42
CA HYP E 30 27.96 -26.65 3.55
C HYP E 30 28.42 -27.11 5.00
O HYP E 30 29.17 -26.39 5.67
CB HYP E 30 28.88 -27.21 2.45
CG HYP E 30 29.02 -26.08 1.41
CD HYP E 30 28.89 -24.84 2.32
OD1 HYP E 30 28.08 -26.09 0.38
N GLY E 31 27.96 -28.28 5.41
CA GLY E 31 28.22 -28.79 6.75
C GLY E 31 29.69 -28.86 7.12
C ACE F 1 -19.06 34.99 -13.44
O ACE F 1 -19.81 35.84 -12.97
CH3 ACE F 1 -19.47 33.55 -13.55
N ALA F 2 -17.86 35.36 -13.88
CA ALA F 2 -16.86 34.44 -14.44
C ALA F 2 -16.24 33.61 -13.35
N VAL F 3 -16.49 32.29 -13.40
CA VAL F 3 -15.96 31.39 -12.40
C VAL F 3 -14.44 31.46 -12.44
N GLY F 4 -13.83 31.54 -11.27
CA GLY F 4 -12.41 31.77 -11.16
C GLY F 4 -11.57 30.68 -11.81
N PRO F 5 -10.28 30.97 -11.96
CA PRO F 5 -9.36 29.95 -12.48
C PRO F 5 -9.36 28.71 -11.59
N ARG F 6 -9.27 27.55 -12.23
CA ARG F 6 -9.10 26.32 -11.49
C ARG F 6 -7.83 26.37 -10.65
N GLY F 7 -7.92 25.85 -9.43
CA GLY F 7 -6.80 25.84 -8.53
C GLY F 7 -5.62 25.07 -9.08
N PRO F 8 -4.43 25.35 -8.56
CA PRO F 8 -3.24 24.62 -8.98
C PRO F 8 -3.30 23.17 -8.53
N SER F 9 -2.45 22.35 -9.15
CA SER F 9 -2.40 20.94 -8.83
C SER F 9 -1.74 20.71 -7.47
N GLY F 10 -2.13 19.62 -6.83
CA GLY F 10 -1.59 19.27 -5.53
C GLY F 10 -0.18 18.74 -5.64
N PRO F 11 0.52 18.62 -4.51
CA PRO F 11 1.87 18.07 -4.55
C PRO F 11 1.86 16.61 -4.95
N GLN F 12 2.95 16.19 -5.57
CA GLN F 12 3.15 14.78 -5.86
C GLN F 12 3.18 13.98 -4.56
N GLY F 13 2.65 12.77 -4.61
CA GLY F 13 2.48 11.97 -3.41
C GLY F 13 3.78 11.58 -2.75
N ILE F 14 3.64 10.98 -1.57
CA ILE F 14 4.76 10.54 -0.75
C ILE F 14 5.36 9.26 -1.33
N ARG F 15 6.66 9.06 -1.08
CA ARG F 15 7.29 7.78 -1.39
C ARG F 15 6.57 6.64 -0.67
N GLY F 16 6.43 5.52 -1.38
CA GLY F 16 5.75 4.37 -0.81
C GLY F 16 6.53 3.72 0.32
N ASP F 17 5.88 2.74 0.94
CA ASP F 17 6.49 1.99 2.02
C ASP F 17 7.57 1.05 1.47
N LYS F 18 8.55 0.75 2.32
CA LYS F 18 9.57 -0.22 1.95
C LYS F 18 8.97 -1.62 1.95
N GLY F 19 9.39 -2.44 1.00
CA GLY F 19 8.97 -3.83 0.99
C GLY F 19 9.50 -4.58 2.19
N GLU F 20 8.78 -5.64 2.56
CA GLU F 20 9.23 -6.46 3.67
C GLU F 20 10.43 -7.31 3.28
N HYP F 21 11.18 -7.76 4.29
CA HYP F 21 12.43 -8.49 4.04
C HYP F 21 12.22 -9.82 3.24
O HYP F 21 11.17 -10.46 3.34
CB HYP F 21 13.09 -8.77 5.40
CG HYP F 21 12.46 -7.75 6.36
CD HYP F 21 11.05 -7.67 5.77
OD1 HYP F 21 13.10 -6.52 6.41
N GLY F 22 13.23 -10.18 2.46
CA GLY F 22 13.24 -11.47 1.81
C GLY F 22 13.27 -12.55 2.85
N GLU F 23 12.73 -13.71 2.52
CA GLU F 23 12.73 -14.84 3.43
C GLU F 23 14.12 -15.47 3.50
N LYS F 24 14.42 -16.05 4.68
CA LYS F 24 15.75 -16.59 4.93
C LYS F 24 16.10 -17.67 3.92
N GLY F 25 17.39 -17.74 3.58
CA GLY F 25 17.88 -18.70 2.64
C GLY F 25 17.72 -20.14 3.12
N PRO F 26 17.85 -21.08 2.19
CA PRO F 26 17.69 -22.50 2.57
C PRO F 26 18.89 -23.01 3.34
N ARG F 27 18.65 -24.08 4.09
CA ARG F 27 19.69 -24.71 4.88
C ARG F 27 20.82 -25.21 4.00
N GLY F 28 22.05 -25.11 4.50
CA GLY F 28 23.19 -25.58 3.74
C GLY F 28 23.12 -27.08 3.48
N LEU F 29 23.91 -27.51 2.50
CA LEU F 29 23.96 -28.91 2.14
C LEU F 29 24.72 -29.71 3.20
N HYP F 30 24.44 -31.01 3.28
CA HYP F 30 25.03 -31.88 4.34
C HYP F 30 26.60 -32.06 4.24
O HYP F 30 27.19 -31.90 3.15
CB HYP F 30 24.35 -33.25 4.26
CG HYP F 30 23.65 -33.32 2.89
CD HYP F 30 23.41 -31.82 2.57
OD1 HYP F 30 22.47 -34.07 2.86
N GLY F 31 27.22 -32.38 5.37
CA GLY F 31 28.65 -32.64 5.40
C GLY F 31 28.95 -34.12 5.35
#